data_7T8K
#
_entry.id   7T8K
#
_cell.length_a   151.586
_cell.length_b   71.477
_cell.length_c   87.413
_cell.angle_alpha   90.000
_cell.angle_beta   105.130
_cell.angle_gamma   90.000
#
_symmetry.space_group_name_H-M   'C 1 2 1'
#
loop_
_entity.id
_entity.type
_entity.pdbx_description
1 polymer BrxR
2 polymer DNA
3 polymer DNA
4 non-polymer 1,2-ETHANEDIOL
5 non-polymer 'CHLORIDE ION'
6 water water
#
loop_
_entity_poly.entity_id
_entity_poly.type
_entity_poly.pdbx_seq_one_letter_code
_entity_poly.pdbx_strand_id
1 'polypeptide(L)'
;GSHMTADKHEVLLRMRAIELLAYWEGRLVTTRLMNWFGLSRQQASADIKRYNTLYNPDALIHDPSVKGYVPKASFQPVLT
TAHINEYLNMLSGLVSESHALIAMPEPNLAAVQLPDRSVRPEVIREVLRACRNQSTLKMIYASMQNPQWHERIISPHTLV
YTGFRWHVRAYCHQSKQFKDFLLSRIDRTPVVVAIESVDPAQDQQWHEEIVLTLIPNPKLNSSQQALVEKDFGMPDGRLQ
IPVKKALAHYTLQRYQTAITLAEAEDALKYPLVLQRSDIEKLSSYLFDQAS
;
A,B
2 'polydeoxyribonucleotide'
;(DA)(DT)(DA)(DC)(DA)(DG)(DT)(DA)(DA)(DA)(DT)(DT)(DA)(DT)(DT)(DT)(DT)(DT)(DA)(DC)
(DG)(DG)(DT)(DA)(DT)
;
C
3 'polydeoxyribonucleotide'
;(DA)(DT)(DA)(DC)(DC)(DG)(DT)(DA)(DA)(DA)(DA)(DA)(DT)(DA)(DA)(DT)(DT)(DT)(DA)(DC)
(DT)(DG)(DT)(DA)(DT)
;
D
#
loop_
_chem_comp.id
_chem_comp.type
_chem_comp.name
_chem_comp.formula
CL non-polymer 'CHLORIDE ION' 'Cl -1'
DA DNA linking 2'-DEOXYADENOSINE-5'-MONOPHOSPHATE 'C10 H14 N5 O6 P'
DC DNA linking 2'-DEOXYCYTIDINE-5'-MONOPHOSPHATE 'C9 H14 N3 O7 P'
DG DNA linking 2'-DEOXYGUANOSINE-5'-MONOPHOSPHATE 'C10 H14 N5 O7 P'
DT DNA linking THYMIDINE-5'-MONOPHOSPHATE 'C10 H15 N2 O8 P'
EDO non-polymer 1,2-ETHANEDIOL 'C2 H6 O2'
#
# COMPACT_ATOMS: atom_id res chain seq x y z
N ALA A 6 -6.78 27.34 2.95
CA ALA A 6 -6.58 27.57 4.38
C ALA A 6 -7.50 26.68 5.22
N ASP A 7 -8.16 25.72 4.58
CA ASP A 7 -9.15 24.90 5.26
C ASP A 7 -8.50 23.82 6.14
N LYS A 8 -9.13 23.54 7.27
CA LYS A 8 -8.64 22.53 8.19
C LYS A 8 -8.70 21.15 7.56
N HIS A 9 -7.86 20.25 8.06
CA HIS A 9 -7.73 18.92 7.47
C HIS A 9 -9.07 18.20 7.37
N GLU A 10 -9.91 18.31 8.39
CA GLU A 10 -11.21 17.62 8.37
C GLU A 10 -12.06 18.09 7.20
N VAL A 11 -12.19 19.40 7.02
CA VAL A 11 -12.94 19.91 5.86
C VAL A 11 -12.28 19.43 4.58
N LEU A 12 -10.95 19.40 4.55
CA LEU A 12 -10.24 18.92 3.38
C LEU A 12 -10.60 17.47 3.08
N LEU A 13 -10.74 16.64 4.11
CA LEU A 13 -11.11 15.25 3.86
C LEU A 13 -12.51 15.18 3.26
N ARG A 14 -13.40 16.05 3.69
CA ARG A 14 -14.75 16.06 3.12
C ARG A 14 -14.72 16.55 1.67
N MET A 15 -13.92 17.58 1.39
CA MET A 15 -13.78 18.03 0.01
C MET A 15 -13.22 16.92 -0.87
N ARG A 16 -12.16 16.25 -0.41
CA ARG A 16 -11.59 15.12 -1.12
C ARG A 16 -12.64 14.04 -1.35
N ALA A 17 -13.44 13.75 -0.33
CA ALA A 17 -14.45 12.71 -0.46
C ALA A 17 -15.47 13.07 -1.52
N ILE A 18 -15.92 14.33 -1.50
CA ILE A 18 -16.84 14.81 -2.54
C ILE A 18 -16.24 14.60 -3.91
N GLU A 19 -14.99 15.05 -4.08
CA GLU A 19 -14.35 14.98 -5.38
C GLU A 19 -14.20 13.55 -5.84
N LEU A 20 -13.73 12.66 -4.96
CA LEU A 20 -13.46 11.29 -5.36
C LEU A 20 -14.74 10.53 -5.64
N LEU A 21 -15.78 10.76 -4.82
CA LEU A 21 -17.07 10.13 -5.11
C LEU A 21 -17.58 10.59 -6.46
N ALA A 22 -17.63 11.90 -6.70
CA ALA A 22 -18.10 12.38 -7.99
C ALA A 22 -17.29 11.74 -9.12
N TYR A 23 -15.97 11.88 -9.05
CA TYR A 23 -15.10 11.51 -10.16
C TYR A 23 -15.13 10.02 -10.45
N TRP A 24 -15.04 9.18 -9.42
CA TRP A 24 -14.87 7.76 -9.65
C TRP A 24 -16.17 6.98 -9.65
N GLU A 25 -17.21 7.43 -8.94
CA GLU A 25 -18.48 6.72 -8.96
C GLU A 25 -19.54 7.36 -9.84
N GLY A 26 -19.34 8.59 -10.33
CA GLY A 26 -20.33 9.22 -11.17
C GLY A 26 -21.51 9.80 -10.43
N ARG A 27 -21.63 9.57 -9.13
CA ARG A 27 -22.79 9.99 -8.38
C ARG A 27 -22.39 10.32 -6.95
N LEU A 28 -22.99 11.38 -6.41
CA LEU A 28 -22.72 11.83 -5.06
C LEU A 28 -24.03 12.24 -4.41
N VAL A 29 -24.31 11.69 -3.23
CA VAL A 29 -25.45 12.09 -2.42
C VAL A 29 -24.97 12.41 -1.02
N THR A 30 -25.70 13.32 -0.35
CA THR A 30 -25.32 13.71 1.01
C THR A 30 -25.22 12.51 1.93
N THR A 31 -26.05 11.50 1.72
CA THR A 31 -26.13 10.37 2.64
C THR A 31 -24.78 9.68 2.78
N ARG A 32 -24.03 9.57 1.69
CA ARG A 32 -22.72 8.92 1.75
C ARG A 32 -21.77 9.69 2.66
N LEU A 33 -21.71 11.02 2.50
CA LEU A 33 -20.90 11.82 3.39
C LEU A 33 -21.40 11.69 4.83
N MET A 34 -22.72 11.58 4.99
CA MET A 34 -23.29 11.37 6.32
C MET A 34 -22.80 10.07 6.93
N ASN A 35 -22.88 8.97 6.17
CA ASN A 35 -22.41 7.68 6.67
C ASN A 35 -20.92 7.69 6.97
N TRP A 36 -20.15 8.48 6.23
CA TRP A 36 -18.70 8.48 6.39
C TRP A 36 -18.25 9.32 7.58
N PHE A 37 -18.83 10.52 7.75
CA PHE A 37 -18.33 11.46 8.74
C PHE A 37 -19.27 11.71 9.91
N GLY A 38 -20.43 11.06 9.98
CA GLY A 38 -21.33 11.32 11.09
C GLY A 38 -21.95 12.71 11.04
N LEU A 39 -22.12 13.26 9.85
CA LEU A 39 -22.61 14.62 9.68
C LEU A 39 -24.11 14.64 9.44
N SER A 40 -24.70 15.79 9.71
CA SER A 40 -26.09 16.04 9.34
C SER A 40 -26.20 16.26 7.83
N ARG A 41 -27.39 15.96 7.29
CA ARG A 41 -27.61 16.23 5.87
C ARG A 41 -27.35 17.69 5.54
N GLN A 42 -27.67 18.59 6.48
CA GLN A 42 -27.54 20.01 6.22
C GLN A 42 -26.07 20.42 6.08
N GLN A 43 -25.21 19.93 6.98
CA GLN A 43 -23.79 20.25 6.84
C GLN A 43 -23.20 19.60 5.60
N ALA A 44 -23.60 18.36 5.30
CA ALA A 44 -23.12 17.70 4.09
C ALA A 44 -23.53 18.49 2.85
N SER A 45 -24.78 18.99 2.83
CA SER A 45 -25.20 19.88 1.75
C SER A 45 -24.30 21.10 1.66
N ALA A 46 -23.97 21.69 2.81
CA ALA A 46 -23.07 22.84 2.82
C ALA A 46 -21.66 22.45 2.35
N ASP A 47 -21.22 21.24 2.69
CA ASP A 47 -19.92 20.79 2.16
C ASP A 47 -19.95 20.71 0.64
N ILE A 48 -21.03 20.17 0.08
CA ILE A 48 -21.14 20.09 -1.38
C ILE A 48 -21.08 21.49 -2.00
N LYS A 49 -21.85 22.43 -1.42
CA LYS A 49 -21.83 23.79 -1.96
C LYS A 49 -20.44 24.42 -1.82
N ARG A 50 -19.78 24.22 -0.69
CA ARG A 50 -18.42 24.71 -0.52
C ARG A 50 -17.50 24.16 -1.61
N TYR A 51 -17.58 22.85 -1.87
CA TYR A 51 -16.78 22.30 -2.95
C TYR A 51 -17.08 23.03 -4.26
N ASN A 52 -18.36 23.04 -4.63
CA ASN A 52 -18.83 23.56 -5.91
C ASN A 52 -18.60 25.06 -6.08
N THR A 53 -18.20 25.77 -5.04
CA THR A 53 -17.91 27.19 -5.23
C THR A 53 -16.47 27.58 -4.95
N LEU A 54 -15.85 27.07 -3.88
CA LEU A 54 -14.50 27.46 -3.54
C LEU A 54 -13.42 26.56 -4.13
N TYR A 55 -13.72 25.32 -4.52
CA TYR A 55 -12.67 24.41 -4.96
C TYR A 55 -12.75 24.10 -6.45
N ASN A 56 -13.92 23.69 -6.92
CA ASN A 56 -14.15 23.29 -8.31
C ASN A 56 -15.42 23.98 -8.76
N PRO A 57 -15.33 25.25 -9.17
CA PRO A 57 -16.54 26.05 -9.41
C PRO A 57 -17.51 25.37 -10.36
N ASP A 58 -18.72 25.09 -9.87
CA ASP A 58 -19.80 24.50 -10.65
C ASP A 58 -19.41 23.17 -11.31
N ALA A 59 -18.39 22.50 -10.76
CA ALA A 59 -17.97 21.22 -11.31
C ALA A 59 -19.03 20.14 -11.11
N LEU A 60 -19.90 20.28 -10.13
CA LEU A 60 -20.96 19.33 -9.84
C LEU A 60 -22.31 19.95 -10.23
N ILE A 61 -23.26 19.09 -10.56
CA ILE A 61 -24.62 19.54 -10.89
C ILE A 61 -25.63 18.55 -10.31
N HIS A 62 -26.68 19.08 -9.69
CA HIS A 62 -27.75 18.24 -9.19
C HIS A 62 -28.56 17.69 -10.36
N ASP A 63 -28.58 16.37 -10.51
CA ASP A 63 -29.38 15.74 -11.55
C ASP A 63 -30.52 14.95 -10.92
N PRO A 64 -31.74 15.48 -10.91
CA PRO A 64 -32.86 14.75 -10.27
C PRO A 64 -33.18 13.43 -10.95
N SER A 65 -32.71 13.22 -12.18
CA SER A 65 -32.99 11.95 -12.86
C SER A 65 -32.34 10.80 -12.11
N VAL A 66 -31.13 11.02 -11.59
CA VAL A 66 -30.42 10.00 -10.81
C VAL A 66 -30.47 10.28 -9.32
N LYS A 67 -31.27 11.27 -8.89
CA LYS A 67 -31.46 11.57 -7.48
C LYS A 67 -30.12 11.77 -6.77
N GLY A 68 -29.30 12.66 -7.32
CA GLY A 68 -28.06 13.02 -6.66
C GLY A 68 -27.26 13.98 -7.52
N TYR A 69 -26.09 14.33 -7.02
CA TYR A 69 -25.14 15.16 -7.76
C TYR A 69 -24.30 14.31 -8.71
N VAL A 70 -24.06 14.85 -9.91
CA VAL A 70 -23.19 14.21 -10.89
C VAL A 70 -22.15 15.23 -11.33
N PRO A 71 -20.95 14.79 -11.71
CA PRO A 71 -19.95 15.72 -12.25
C PRO A 71 -20.35 16.22 -13.63
N LYS A 72 -19.93 17.44 -13.93
CA LYS A 72 -20.15 18.00 -15.27
C LYS A 72 -19.21 17.32 -16.26
N ALA A 73 -19.59 17.40 -17.54
CA ALA A 73 -18.85 16.68 -18.58
C ALA A 73 -17.37 17.03 -18.56
N SER A 74 -17.04 18.30 -18.31
CA SER A 74 -15.65 18.74 -18.27
C SER A 74 -15.01 18.57 -16.89
N PHE A 75 -15.57 17.73 -16.04
CA PHE A 75 -15.05 17.62 -14.67
C PHE A 75 -13.59 17.21 -14.69
N GLN A 76 -12.80 17.89 -13.85
CA GLN A 76 -11.40 17.60 -13.67
C GLN A 76 -11.11 17.76 -12.19
N PRO A 77 -10.54 16.76 -11.54
CA PRO A 77 -10.26 16.86 -10.09
C PRO A 77 -9.26 17.96 -9.79
N VAL A 78 -9.47 18.65 -8.67
CA VAL A 78 -8.59 19.73 -8.25
C VAL A 78 -7.85 19.43 -6.95
N LEU A 79 -8.26 18.42 -6.19
CA LEU A 79 -7.55 18.07 -4.96
C LEU A 79 -6.87 16.71 -5.02
N THR A 80 -7.06 15.95 -6.10
CA THR A 80 -6.46 14.63 -6.21
C THR A 80 -5.91 14.48 -7.62
N THR A 81 -4.93 13.60 -7.76
CA THR A 81 -4.51 13.27 -9.11
C THR A 81 -5.44 12.22 -9.67
N ALA A 82 -5.47 12.12 -10.99
CA ALA A 82 -6.44 11.24 -11.64
C ALA A 82 -6.02 9.78 -11.66
N HIS A 83 -5.55 9.29 -10.51
N HIS A 83 -5.54 9.23 -10.56
CA HIS A 83 -5.18 7.90 -10.26
CA HIS A 83 -5.35 7.80 -10.56
C HIS A 83 -6.23 7.22 -9.40
C HIS A 83 -6.07 7.18 -9.38
N ILE A 84 -6.39 5.90 -9.55
CA ILE A 84 -7.36 5.20 -8.71
C ILE A 84 -6.83 4.93 -7.30
N ASN A 85 -5.52 5.03 -7.07
CA ASN A 85 -5.01 4.91 -5.71
C ASN A 85 -5.69 5.90 -4.77
N GLU A 86 -5.95 7.12 -5.25
CA GLU A 86 -6.57 8.12 -4.40
C GLU A 86 -7.93 7.67 -3.91
N TYR A 87 -8.69 6.99 -4.77
CA TYR A 87 -10.02 6.52 -4.39
C TYR A 87 -9.91 5.42 -3.33
N LEU A 88 -9.04 4.44 -3.58
CA LEU A 88 -8.85 3.39 -2.58
C LEU A 88 -8.33 3.95 -1.27
N ASN A 89 -7.44 4.95 -1.34
CA ASN A 89 -6.90 5.51 -0.10
C ASN A 89 -8.00 6.18 0.71
N MET A 90 -8.89 6.92 0.06
CA MET A 90 -10.02 7.51 0.78
C MET A 90 -10.88 6.43 1.42
N LEU A 91 -11.23 5.41 0.64
CA LEU A 91 -12.12 4.37 1.16
C LEU A 91 -11.50 3.67 2.36
N SER A 92 -10.21 3.33 2.26
CA SER A 92 -9.54 2.58 3.33
C SER A 92 -9.28 3.47 4.55
N GLY A 93 -9.04 4.77 4.35
CA GLY A 93 -8.91 5.64 5.49
C GLY A 93 -10.22 5.77 6.23
N LEU A 94 -11.35 5.58 5.53
CA LEU A 94 -12.62 5.69 6.23
C LEU A 94 -13.03 4.37 6.87
N VAL A 95 -12.79 3.24 6.22
CA VAL A 95 -12.98 1.94 6.88
C VAL A 95 -11.69 1.13 6.74
N SER A 96 -10.75 1.37 7.64
CA SER A 96 -9.47 0.67 7.65
C SER A 96 -9.56 -0.72 8.29
N GLU A 97 -8.91 -1.68 7.64
CA GLU A 97 -8.73 -3.03 8.18
CA GLU A 97 -8.74 -3.03 8.15
C GLU A 97 -7.30 -3.47 7.91
N SER A 98 -6.35 -2.62 8.31
CA SER A 98 -4.95 -2.81 7.93
C SER A 98 -4.35 -4.13 8.39
N HIS A 99 -5.02 -4.83 9.31
CA HIS A 99 -4.53 -6.11 9.79
C HIS A 99 -4.98 -7.29 8.92
N ALA A 100 -5.96 -7.07 8.04
CA ALA A 100 -6.60 -8.15 7.31
C ALA A 100 -5.83 -8.48 6.03
N LEU A 101 -5.92 -9.76 5.63
CA LEU A 101 -5.34 -10.19 4.36
C LEU A 101 -6.07 -9.56 3.18
N ILE A 102 -7.40 -9.48 3.23
CA ILE A 102 -8.20 -8.91 2.16
C ILE A 102 -9.07 -7.84 2.78
N ALA A 103 -8.78 -6.58 2.46
CA ALA A 103 -9.63 -5.48 2.90
C ALA A 103 -10.86 -5.38 2.01
N MET A 104 -11.97 -5.02 2.63
CA MET A 104 -13.24 -4.81 1.94
C MET A 104 -13.82 -3.46 2.36
N PRO A 105 -13.16 -2.36 1.98
CA PRO A 105 -13.58 -1.05 2.48
C PRO A 105 -15.01 -0.68 2.11
N GLU A 106 -15.52 -1.18 1.00
CA GLU A 106 -16.93 -1.02 0.68
C GLU A 106 -17.41 -2.26 -0.05
N PRO A 107 -18.72 -2.43 -0.19
CA PRO A 107 -19.22 -3.56 -0.97
C PRO A 107 -18.69 -3.52 -2.40
N ASN A 108 -18.43 -4.70 -2.95
CA ASN A 108 -17.94 -4.87 -4.31
C ASN A 108 -16.52 -4.33 -4.52
N LEU A 109 -15.73 -4.22 -3.46
CA LEU A 109 -14.32 -3.86 -3.60
C LEU A 109 -13.49 -4.69 -2.63
N ALA A 110 -12.53 -5.43 -3.19
CA ALA A 110 -11.58 -6.21 -2.40
C ALA A 110 -10.17 -5.73 -2.74
N ALA A 111 -9.31 -5.69 -1.72
CA ALA A 111 -7.94 -5.21 -1.90
C ALA A 111 -7.01 -6.13 -1.14
N VAL A 112 -6.12 -6.80 -1.88
CA VAL A 112 -5.12 -7.67 -1.26
C VAL A 112 -4.16 -6.82 -0.47
N GLN A 113 -3.88 -7.23 0.78
CA GLN A 113 -3.01 -6.47 1.66
C GLN A 113 -1.90 -7.37 2.18
N LEU A 114 -0.89 -6.75 2.77
CA LEU A 114 0.21 -7.47 3.42
C LEU A 114 0.33 -6.95 4.84
N PRO A 115 -0.40 -7.54 5.78
CA PRO A 115 -0.30 -7.11 7.18
C PRO A 115 1.07 -7.44 7.75
N ASP A 116 1.75 -6.43 8.27
CA ASP A 116 3.02 -6.60 8.95
C ASP A 116 2.80 -6.48 10.45
N ARG A 117 3.12 -7.55 11.18
CA ARG A 117 3.05 -7.54 12.64
C ARG A 117 4.44 -7.70 13.25
N SER A 118 5.49 -7.69 12.43
CA SER A 118 6.83 -8.05 12.82
C SER A 118 7.69 -6.87 13.23
N VAL A 119 7.26 -5.64 12.95
CA VAL A 119 8.00 -4.45 13.31
C VAL A 119 7.51 -3.96 14.67
N ARG A 120 8.40 -3.94 15.66
CA ARG A 120 8.03 -3.61 17.03
C ARG A 120 8.13 -2.11 17.28
N PRO A 121 7.14 -1.53 17.97
CA PRO A 121 7.20 -0.08 18.25
C PRO A 121 8.41 0.34 19.06
N GLU A 122 8.82 -0.46 20.05
CA GLU A 122 10.00 -0.07 20.82
C GLU A 122 11.23 0.07 19.93
N VAL A 123 11.31 -0.72 18.86
CA VAL A 123 12.40 -0.55 17.91
C VAL A 123 12.20 0.72 17.09
N ILE A 124 10.96 0.99 16.69
CA ILE A 124 10.70 2.14 15.82
C ILE A 124 10.98 3.45 16.55
N ARG A 125 10.50 3.60 17.77
CA ARG A 125 10.72 4.90 18.44
C ARG A 125 12.20 5.19 18.56
N GLU A 126 12.99 4.18 18.96
CA GLU A 126 14.42 4.39 19.12
C GLU A 126 15.09 4.74 17.78
N VAL A 127 14.74 4.00 16.72
CA VAL A 127 15.45 4.17 15.46
C VAL A 127 15.03 5.48 14.79
N LEU A 128 13.74 5.80 14.82
CA LEU A 128 13.27 7.05 14.26
C LEU A 128 13.87 8.25 14.99
N ARG A 129 13.94 8.17 16.33
CA ARG A 129 14.58 9.25 17.06
C ARG A 129 16.04 9.38 16.67
N ALA A 130 16.75 8.26 16.51
CA ALA A 130 18.14 8.33 16.08
C ALA A 130 18.24 8.94 14.70
N CYS A 131 17.28 8.63 13.83
CA CYS A 131 17.22 9.25 12.50
C CYS A 131 17.11 10.76 12.61
N ARG A 132 16.21 11.24 13.49
CA ARG A 132 15.98 12.67 13.60
C ARG A 132 17.16 13.39 14.25
N ASN A 133 17.82 12.74 15.21
CA ASN A 133 18.95 13.32 15.91
C ASN A 133 20.28 13.07 15.22
N GLN A 134 20.31 12.30 14.13
CA GLN A 134 21.56 11.92 13.49
C GLN A 134 22.49 11.28 14.53
N SER A 135 21.90 10.43 15.36
CA SER A 135 22.58 9.76 16.46
C SER A 135 23.01 8.36 16.05
N THR A 136 23.76 7.71 16.94
CA THR A 136 24.37 6.42 16.65
C THR A 136 23.86 5.38 17.64
N LEU A 137 23.47 4.22 17.12
CA LEU A 137 22.86 3.18 17.94
C LEU A 137 23.74 1.94 17.99
N LYS A 138 23.68 1.25 19.12
CA LYS A 138 24.19 -0.10 19.27
C LYS A 138 22.99 -1.02 19.38
N MET A 139 22.97 -2.08 18.58
CA MET A 139 21.78 -2.92 18.53
C MET A 139 22.19 -4.37 18.27
N ILE A 140 21.23 -5.26 18.47
CA ILE A 140 21.41 -6.68 18.25
C ILE A 140 20.69 -7.03 16.95
N TYR A 141 21.41 -7.69 16.04
CA TYR A 141 20.94 -7.87 14.68
C TYR A 141 21.23 -9.29 14.24
N ALA A 142 20.56 -9.71 13.17
CA ALA A 142 20.85 -10.98 12.53
C ALA A 142 20.48 -10.87 11.06
N SER A 143 21.36 -11.37 10.19
CA SER A 143 21.17 -11.35 8.76
C SER A 143 21.21 -12.77 8.21
N MET A 144 20.87 -12.88 6.93
CA MET A 144 20.99 -14.17 6.26
C MET A 144 22.45 -14.61 6.18
N GLN A 145 23.36 -13.67 5.99
CA GLN A 145 24.79 -14.01 5.93
C GLN A 145 25.32 -14.37 7.32
N ASN A 146 24.83 -13.73 8.37
CA ASN A 146 25.24 -14.00 9.75
C ASN A 146 23.99 -14.13 10.59
N PRO A 147 23.42 -15.34 10.71
CA PRO A 147 22.09 -15.50 11.29
C PRO A 147 22.02 -15.71 12.80
N GLN A 148 23.12 -15.60 13.55
CA GLN A 148 23.02 -15.56 15.00
C GLN A 148 23.09 -14.11 15.46
N TRP A 149 22.46 -13.83 16.58
CA TRP A 149 22.37 -12.45 17.04
C TRP A 149 23.76 -11.92 17.34
N HIS A 150 24.04 -10.73 16.81
CA HIS A 150 25.34 -10.10 16.97
C HIS A 150 25.13 -8.60 17.04
N GLU A 151 26.15 -7.90 17.52
CA GLU A 151 26.05 -6.46 17.72
C GLU A 151 26.36 -5.69 16.44
N ARG A 152 25.63 -4.60 16.24
CA ARG A 152 25.88 -3.67 15.15
C ARG A 152 25.88 -2.26 15.69
N ILE A 153 26.75 -1.43 15.14
CA ILE A 153 26.81 -0.01 15.48
C ILE A 153 26.42 0.76 14.23
N ILE A 154 25.34 1.52 14.30
CA ILE A 154 24.79 2.13 13.10
C ILE A 154 24.31 3.55 13.41
N SER A 155 24.47 4.43 12.42
CA SER A 155 23.88 5.75 12.42
C SER A 155 22.80 5.79 11.35
N PRO A 156 21.53 5.60 11.70
CA PRO A 156 20.46 5.58 10.70
C PRO A 156 20.08 6.98 10.24
N HIS A 157 19.48 7.04 9.06
CA HIS A 157 18.91 8.32 8.61
C HIS A 157 17.53 8.23 7.96
N THR A 158 17.09 7.08 7.46
CA THR A 158 15.77 7.01 6.84
C THR A 158 15.14 5.65 7.04
N LEU A 159 13.90 5.63 7.53
CA LEU A 159 13.08 4.42 7.51
C LEU A 159 12.51 4.21 6.12
N VAL A 160 12.46 2.96 5.69
CA VAL A 160 12.04 2.62 4.33
C VAL A 160 11.00 1.52 4.38
N TYR A 161 9.85 1.77 3.76
CA TYR A 161 8.86 0.74 3.48
C TYR A 161 8.94 0.43 2.00
N THR A 162 9.28 -0.80 1.67
CA THR A 162 9.48 -1.23 0.29
C THR A 162 8.20 -1.66 -0.39
N GLY A 163 7.08 -1.71 0.34
CA GLY A 163 5.91 -2.42 -0.11
C GLY A 163 5.86 -3.87 0.34
N PHE A 164 6.95 -4.38 0.90
CA PHE A 164 6.96 -5.74 1.42
C PHE A 164 7.58 -5.80 2.80
N ARG A 165 8.59 -4.96 3.04
CA ARG A 165 9.33 -5.01 4.30
C ARG A 165 9.72 -3.61 4.71
N TRP A 166 10.02 -3.48 6.00
CA TRP A 166 10.55 -2.24 6.55
C TRP A 166 12.02 -2.43 6.86
N HIS A 167 12.84 -1.45 6.47
CA HIS A 167 14.22 -1.43 6.88
C HIS A 167 14.60 0.02 7.15
N VAL A 168 15.76 0.20 7.77
CA VAL A 168 16.32 1.51 8.01
C VAL A 168 17.61 1.63 7.22
N ARG A 169 17.75 2.71 6.46
CA ARG A 169 18.99 3.02 5.79
C ARG A 169 19.95 3.65 6.80
N ALA A 170 21.14 3.08 6.93
CA ALA A 170 22.02 3.47 8.03
C ALA A 170 23.48 3.21 7.68
N TYR A 171 24.35 4.04 8.25
CA TYR A 171 25.79 3.81 8.18
C TYR A 171 26.18 2.69 9.14
N CYS A 172 26.77 1.62 8.59
CA CYS A 172 27.30 0.53 9.40
C CYS A 172 28.74 0.87 9.76
N HIS A 173 29.04 0.99 11.06
CA HIS A 173 30.35 1.47 11.45
C HIS A 173 31.42 0.40 11.36
N GLN A 174 31.07 -0.88 11.50
CA GLN A 174 32.09 -1.92 11.42
C GLN A 174 32.50 -2.21 9.99
N SER A 175 31.63 -1.95 9.01
CA SER A 175 31.98 -2.12 7.60
C SER A 175 32.19 -0.80 6.88
N LYS A 176 31.92 0.32 7.53
CA LYS A 176 32.13 1.65 6.95
C LYS A 176 31.38 1.84 5.63
N GLN A 177 30.19 1.27 5.54
CA GLN A 177 29.33 1.47 4.39
C GLN A 177 27.91 1.78 4.83
N PHE A 178 27.18 2.48 3.99
CA PHE A 178 25.74 2.63 4.18
C PHE A 178 25.05 1.38 3.68
N LYS A 179 24.24 0.76 4.53
CA LYS A 179 23.53 -0.46 4.20
C LYS A 179 22.09 -0.35 4.65
N ASP A 180 21.29 -1.35 4.30
CA ASP A 180 19.91 -1.46 4.74
C ASP A 180 19.82 -2.50 5.85
N PHE A 181 19.16 -2.15 6.95
CA PHE A 181 18.98 -3.04 8.09
C PHE A 181 17.50 -3.31 8.25
N LEU A 182 17.12 -4.58 8.22
CA LEU A 182 15.71 -4.94 8.35
C LEU A 182 15.23 -4.72 9.78
N LEU A 183 14.14 -3.97 9.94
CA LEU A 183 13.69 -3.61 11.28
C LEU A 183 13.16 -4.82 12.04
N SER A 184 12.64 -5.82 11.34
CA SER A 184 12.12 -7.02 11.98
C SER A 184 13.23 -7.90 12.54
N ARG A 185 14.49 -7.65 12.18
CA ARG A 185 15.61 -8.45 12.64
C ARG A 185 16.31 -7.86 13.86
N ILE A 186 15.76 -6.79 14.44
CA ILE A 186 16.41 -6.11 15.56
C ILE A 186 15.84 -6.67 16.86
N ASP A 187 16.71 -7.34 17.63
CA ASP A 187 16.34 -7.86 18.93
C ASP A 187 16.44 -6.79 20.01
N ARG A 188 15.59 -6.90 21.03
CA ARG A 188 15.55 -5.93 22.11
C ARG A 188 15.42 -4.50 21.59
N THR A 189 15.79 -3.53 22.42
CA THR A 189 15.70 -2.13 22.06
C THR A 189 17.09 -1.58 21.84
N PRO A 190 17.33 -0.88 20.74
CA PRO A 190 18.66 -0.30 20.53
C PRO A 190 18.97 0.78 21.55
N VAL A 191 20.26 0.96 21.82
CA VAL A 191 20.73 1.91 22.82
C VAL A 191 21.68 2.89 22.12
N VAL A 192 21.53 4.17 22.47
CA VAL A 192 22.38 5.22 21.94
C VAL A 192 23.80 5.09 22.48
N VAL A 193 24.78 5.28 21.61
CA VAL A 193 26.19 5.25 22.00
C VAL A 193 26.83 6.58 21.61
N ALA A 194 27.85 6.97 22.37
CA ALA A 194 28.51 8.28 22.21
C ALA A 194 29.76 8.13 21.35
N ILE A 195 29.57 8.14 20.04
CA ILE A 195 30.66 8.18 19.07
C ILE A 195 30.30 9.21 18.01
N GLU A 196 31.33 9.84 17.43
CA GLU A 196 31.12 10.84 16.39
C GLU A 196 30.15 10.32 15.35
N SER A 197 29.10 11.10 15.07
CA SER A 197 28.11 10.71 14.09
C SER A 197 28.56 11.04 12.68
N VAL A 198 27.91 10.41 11.71
CA VAL A 198 28.23 10.54 10.30
C VAL A 198 27.22 11.45 9.62
N ASP A 199 27.68 12.16 8.59
CA ASP A 199 26.80 13.02 7.81
C ASP A 199 26.04 12.17 6.79
N PRO A 200 24.71 12.13 6.83
CA PRO A 200 23.99 11.34 5.83
C PRO A 200 24.19 11.82 4.41
N ALA A 201 24.69 13.05 4.22
CA ALA A 201 24.93 13.55 2.87
C ALA A 201 26.00 12.75 2.15
N GLN A 202 26.81 11.99 2.88
CA GLN A 202 27.86 11.18 2.27
C GLN A 202 27.35 9.84 1.76
N ASP A 203 26.05 9.55 1.93
CA ASP A 203 25.45 8.29 1.47
C ASP A 203 25.27 8.38 -0.04
N GLN A 204 26.33 8.03 -0.78
CA GLN A 204 26.33 8.20 -2.23
C GLN A 204 25.15 7.50 -2.89
N GLN A 205 24.94 6.23 -2.56
CA GLN A 205 23.89 5.46 -3.20
C GLN A 205 22.52 6.07 -2.96
N TRP A 206 22.33 6.68 -1.79
CA TRP A 206 21.03 7.24 -1.46
C TRP A 206 20.74 8.51 -2.25
N HIS A 207 21.77 9.33 -2.47
CA HIS A 207 21.56 10.63 -3.08
C HIS A 207 21.73 10.62 -4.59
N GLU A 208 22.56 9.73 -5.13
CA GLU A 208 22.69 9.62 -6.58
C GLU A 208 21.48 8.90 -7.16
N GLU A 209 20.94 9.44 -8.24
CA GLU A 209 19.84 8.80 -8.94
C GLU A 209 20.36 8.05 -10.17
N ILE A 210 19.54 7.09 -10.62
CA ILE A 210 19.71 6.43 -11.90
C ILE A 210 18.33 6.34 -12.54
N VAL A 211 18.33 6.13 -13.85
CA VAL A 211 17.08 5.95 -14.60
C VAL A 211 17.02 4.49 -15.03
N LEU A 212 16.01 3.78 -14.55
CA LEU A 212 15.74 2.43 -15.02
C LEU A 212 14.74 2.49 -16.16
N THR A 213 15.01 1.72 -17.22
CA THR A 213 14.11 1.63 -18.36
C THR A 213 13.43 0.27 -18.32
N LEU A 214 12.13 0.28 -18.13
CA LEU A 214 11.33 -0.93 -18.11
C LEU A 214 10.61 -1.07 -19.45
N ILE A 215 10.66 -2.27 -20.03
CA ILE A 215 10.11 -2.48 -21.36
C ILE A 215 9.29 -3.76 -21.37
N PRO A 216 8.37 -3.87 -22.32
CA PRO A 216 7.69 -5.15 -22.54
C PRO A 216 8.69 -6.25 -22.86
N ASN A 217 8.42 -7.44 -22.34
CA ASN A 217 9.28 -8.60 -22.57
C ASN A 217 9.49 -8.80 -24.08
N PRO A 218 10.73 -8.70 -24.57
CA PRO A 218 10.95 -8.81 -26.02
C PRO A 218 10.48 -10.13 -26.61
N LYS A 219 10.16 -11.13 -25.79
CA LYS A 219 9.68 -12.41 -26.27
C LYS A 219 8.22 -12.39 -26.71
N LEU A 220 7.45 -11.36 -26.33
CA LEU A 220 6.05 -11.29 -26.72
C LEU A 220 5.90 -10.67 -28.11
N ASN A 221 4.83 -11.06 -28.80
CA ASN A 221 4.60 -10.49 -30.12
C ASN A 221 4.12 -9.05 -29.99
N SER A 222 3.99 -8.39 -31.14
CA SER A 222 3.75 -6.94 -31.16
C SER A 222 2.41 -6.58 -30.50
N SER A 223 1.37 -7.37 -30.75
CA SER A 223 0.09 -7.05 -30.13
C SER A 223 0.14 -7.26 -28.63
N GLN A 224 0.90 -8.26 -28.17
CA GLN A 224 1.03 -8.48 -26.73
C GLN A 224 1.80 -7.34 -26.07
N GLN A 225 2.84 -6.82 -26.74
CA GLN A 225 3.63 -5.75 -26.15
C GLN A 225 2.81 -4.47 -26.03
N ALA A 226 1.92 -4.22 -26.98
CA ALA A 226 1.05 -3.05 -26.89
C ALA A 226 0.17 -3.14 -25.66
N LEU A 227 -0.26 -4.34 -25.31
CA LEU A 227 -1.05 -4.53 -24.10
C LEU A 227 -0.23 -4.22 -22.85
N VAL A 228 1.04 -4.64 -22.82
CA VAL A 228 1.91 -4.29 -21.69
C VAL A 228 2.05 -2.78 -21.59
N GLU A 229 2.28 -2.12 -22.72
CA GLU A 229 2.41 -0.66 -22.73
C GLU A 229 1.15 -0.02 -22.16
N LYS A 230 -0.02 -0.48 -22.59
CA LYS A 230 -1.26 0.06 -22.05
C LYS A 230 -1.41 -0.25 -20.56
N ASP A 231 -1.01 -1.45 -20.14
CA ASP A 231 -1.14 -1.84 -18.74
C ASP A 231 -0.35 -0.90 -17.84
N PHE A 232 0.86 -0.53 -18.27
CA PHE A 232 1.72 0.29 -17.43
C PHE A 232 1.75 1.75 -17.84
N GLY A 233 0.91 2.16 -18.80
CA GLY A 233 0.87 3.56 -19.17
C GLY A 233 2.19 4.04 -19.75
N MET A 234 2.85 3.22 -20.56
CA MET A 234 4.14 3.61 -21.12
C MET A 234 3.92 4.63 -22.23
N PRO A 235 4.64 5.75 -22.22
CA PRO A 235 4.46 6.74 -23.30
C PRO A 235 4.94 6.24 -24.65
N ASP A 236 6.08 5.54 -24.70
CA ASP A 236 6.68 5.19 -25.98
C ASP A 236 7.36 3.82 -25.88
N GLY A 237 6.62 2.81 -25.43
CA GLY A 237 7.21 1.49 -25.35
C GLY A 237 8.21 1.29 -24.24
N ARG A 238 8.20 2.17 -23.25
CA ARG A 238 9.10 2.03 -22.11
C ARG A 238 8.53 2.80 -20.93
N LEU A 239 8.94 2.38 -19.74
CA LEU A 239 8.73 3.13 -18.50
C LEU A 239 10.11 3.60 -18.05
N GLN A 240 10.37 4.90 -18.18
CA GLN A 240 11.60 5.47 -17.65
C GLN A 240 11.35 5.91 -16.21
N ILE A 241 12.08 5.29 -15.29
CA ILE A 241 11.83 5.44 -13.86
C ILE A 241 13.09 5.96 -13.20
N PRO A 242 13.12 7.26 -12.84
CA PRO A 242 14.23 7.78 -12.04
C PRO A 242 14.01 7.44 -10.57
N VAL A 243 15.06 6.94 -9.92
CA VAL A 243 14.97 6.50 -8.54
C VAL A 243 16.34 6.57 -7.91
N LYS A 244 16.38 6.79 -6.60
CA LYS A 244 17.63 6.73 -5.87
C LYS A 244 18.29 5.37 -6.08
N LYS A 245 19.61 5.39 -6.25
CA LYS A 245 20.34 4.15 -6.51
C LYS A 245 20.11 3.12 -5.42
N ALA A 246 20.00 3.57 -4.16
CA ALA A 246 19.79 2.65 -3.05
C ALA A 246 18.37 2.13 -2.98
N LEU A 247 17.47 2.58 -3.85
CA LEU A 247 16.09 2.12 -3.87
C LEU A 247 15.73 1.43 -5.18
N ALA A 248 16.66 1.32 -6.12
CA ALA A 248 16.33 0.79 -7.44
C ALA A 248 15.77 -0.62 -7.34
N HIS A 249 16.48 -1.52 -6.66
CA HIS A 249 16.03 -2.92 -6.62
C HIS A 249 14.64 -3.02 -6.03
N TYR A 250 14.38 -2.31 -4.93
CA TYR A 250 13.04 -2.34 -4.34
C TYR A 250 12.02 -1.85 -5.36
N THR A 251 12.32 -0.76 -6.06
CA THR A 251 11.40 -0.30 -7.09
C THR A 251 11.15 -1.41 -8.10
N LEU A 252 12.22 -2.05 -8.56
CA LEU A 252 12.04 -3.12 -9.54
C LEU A 252 11.17 -4.23 -8.95
N GLN A 253 11.44 -4.62 -7.71
CA GLN A 253 10.60 -5.65 -7.11
C GLN A 253 9.16 -5.16 -7.02
N ARG A 254 8.96 -3.90 -6.69
CA ARG A 254 7.60 -3.39 -6.55
C ARG A 254 6.85 -3.52 -7.86
N TYR A 255 7.55 -3.40 -8.99
CA TYR A 255 6.92 -3.53 -10.30
C TYR A 255 6.88 -4.97 -10.81
N GLN A 256 7.43 -5.93 -10.07
CA GLN A 256 7.42 -7.33 -10.50
C GLN A 256 8.24 -7.52 -11.78
N THR A 257 9.31 -6.73 -11.92
CA THR A 257 10.12 -6.75 -13.12
C THR A 257 11.10 -7.91 -13.12
N ALA A 258 11.31 -8.50 -14.29
CA ALA A 258 12.41 -9.43 -14.47
C ALA A 258 13.69 -8.63 -14.60
N ILE A 259 14.72 -9.01 -13.83
CA ILE A 259 16.00 -8.31 -13.88
C ILE A 259 17.14 -9.23 -14.28
N THR A 260 16.90 -10.52 -14.49
CA THR A 260 17.89 -11.42 -15.04
C THR A 260 17.37 -11.98 -16.36
N LEU A 261 18.28 -12.20 -17.29
CA LEU A 261 17.89 -12.77 -18.58
C LEU A 261 17.17 -14.11 -18.39
N ALA A 262 17.49 -14.82 -17.31
CA ALA A 262 16.85 -16.11 -17.06
C ALA A 262 15.39 -15.93 -16.67
N GLU A 263 15.07 -14.88 -15.91
CA GLU A 263 13.68 -14.63 -15.54
C GLU A 263 12.84 -14.26 -16.76
N ALA A 264 13.39 -13.42 -17.64
CA ALA A 264 12.63 -12.91 -18.78
C ALA A 264 12.23 -14.00 -19.75
N GLU A 265 12.80 -15.20 -19.66
CA GLU A 265 12.44 -16.27 -20.57
C GLU A 265 11.01 -16.73 -20.37
N ASP A 266 10.41 -16.42 -19.23
CA ASP A 266 9.00 -16.72 -18.97
C ASP A 266 8.24 -15.40 -19.14
N ALA A 267 7.92 -15.08 -20.39
CA ALA A 267 7.26 -13.82 -20.69
C ALA A 267 5.86 -13.77 -20.12
N LEU A 268 5.28 -14.92 -19.77
CA LEU A 268 3.97 -14.92 -19.14
C LEU A 268 4.05 -14.45 -17.69
N LYS A 269 5.03 -14.96 -16.94
CA LYS A 269 5.22 -14.51 -15.57
C LYS A 269 5.81 -13.11 -15.50
N TYR A 270 6.61 -12.71 -16.49
CA TYR A 270 7.34 -11.45 -16.48
C TYR A 270 7.10 -10.67 -17.76
N PRO A 271 5.88 -10.17 -17.96
CA PRO A 271 5.63 -9.33 -19.15
C PRO A 271 6.40 -8.03 -19.12
N LEU A 272 6.91 -7.62 -17.96
CA LEU A 272 7.65 -6.39 -17.81
C LEU A 272 9.09 -6.73 -17.45
N VAL A 273 10.03 -6.12 -18.17
CA VAL A 273 11.43 -6.47 -18.07
C VAL A 273 12.29 -5.22 -17.98
N LEU A 274 13.38 -5.32 -17.23
CA LEU A 274 14.40 -4.28 -17.23
C LEU A 274 15.22 -4.43 -18.51
N GLN A 275 15.39 -3.33 -19.23
CA GLN A 275 16.13 -3.42 -20.49
C GLN A 275 17.57 -3.82 -20.21
N ARG A 276 18.11 -4.67 -21.09
CA ARG A 276 19.35 -5.38 -20.78
C ARG A 276 20.50 -4.43 -20.50
N SER A 277 20.63 -3.35 -21.27
CA SER A 277 21.76 -2.45 -21.07
C SER A 277 21.81 -1.92 -19.65
N ASP A 278 20.65 -1.84 -18.97
CA ASP A 278 20.59 -1.35 -17.61
C ASP A 278 21.01 -2.39 -16.57
N ILE A 279 20.94 -3.69 -16.90
CA ILE A 279 21.22 -4.73 -15.91
C ILE A 279 22.66 -4.61 -15.40
N GLU A 280 23.62 -4.45 -16.32
CA GLU A 280 25.02 -4.32 -15.89
C GLU A 280 25.23 -3.06 -15.08
N LYS A 281 24.29 -2.11 -15.13
CA LYS A 281 24.36 -0.90 -14.31
C LYS A 281 23.91 -1.16 -12.88
N LEU A 282 22.91 -2.04 -12.71
CA LEU A 282 22.32 -2.24 -11.38
C LEU A 282 23.35 -2.74 -10.39
N SER A 283 23.43 -2.04 -9.25
CA SER A 283 24.38 -2.40 -8.20
C SER A 283 24.12 -3.81 -7.70
N SER A 284 25.12 -4.38 -7.03
CA SER A 284 24.97 -5.69 -6.42
C SER A 284 23.92 -5.63 -5.32
N TYR A 285 23.05 -6.64 -5.28
CA TYR A 285 21.99 -6.67 -4.27
C TYR A 285 22.45 -7.29 -2.97
N LEU A 286 23.46 -8.18 -3.01
CA LEU A 286 23.94 -8.80 -1.79
C LEU A 286 24.54 -7.78 -0.83
N PHE A 287 25.14 -6.71 -1.35
CA PHE A 287 25.75 -5.70 -0.50
C PHE A 287 24.75 -4.63 -0.05
N ASP A 288 23.52 -4.66 -0.57
CA ASP A 288 22.46 -3.85 0.00
C ASP A 288 22.17 -4.26 1.44
N GLN A 289 21.81 -5.53 1.63
CA GLN A 289 21.48 -6.03 2.96
C GLN A 289 22.70 -5.96 3.87
N ALA A 290 22.43 -5.79 5.17
CA ALA A 290 23.49 -5.80 6.16
C ALA A 290 24.16 -7.17 6.23
N SER A 291 25.46 -7.18 6.47
CA SER A 291 26.27 -8.40 6.36
C SER A 291 25.93 -9.45 7.41
N ALA B 6 -19.56 7.79 20.86
CA ALA B 6 -20.42 8.95 20.71
C ALA B 6 -19.63 10.16 20.22
N ASP B 7 -18.33 9.96 20.01
CA ASP B 7 -17.45 11.03 19.58
C ASP B 7 -17.48 11.17 18.06
N LYS B 8 -17.36 12.42 17.60
CA LYS B 8 -17.39 12.72 16.17
C LYS B 8 -16.20 12.09 15.44
N HIS B 9 -16.39 11.86 14.14
CA HIS B 9 -15.32 11.27 13.34
C HIS B 9 -14.05 12.11 13.40
N GLU B 10 -14.19 13.43 13.36
CA GLU B 10 -13.02 14.30 13.43
C GLU B 10 -12.27 14.08 14.74
N VAL B 11 -13.00 14.06 15.86
CA VAL B 11 -12.37 13.82 17.15
C VAL B 11 -11.73 12.44 17.19
N LEU B 12 -12.40 11.44 16.60
CA LEU B 12 -11.84 10.09 16.60
C LEU B 12 -10.51 10.04 15.86
N LEU B 13 -10.39 10.77 14.76
CA LEU B 13 -9.12 10.81 14.02
C LEU B 13 -8.02 11.43 14.87
N ARG B 14 -8.36 12.46 15.66
CA ARG B 14 -7.37 13.09 16.53
C ARG B 14 -6.95 12.15 17.65
N MET B 15 -7.90 11.43 18.24
CA MET B 15 -7.58 10.42 19.24
C MET B 15 -6.65 9.36 18.65
N ARG B 16 -6.99 8.87 17.45
CA ARG B 16 -6.13 7.90 16.77
C ARG B 16 -4.72 8.45 16.60
N ALA B 17 -4.62 9.71 16.17
CA ALA B 17 -3.29 10.29 15.95
C ALA B 17 -2.51 10.36 17.24
N ILE B 18 -3.16 10.79 18.33
CA ILE B 18 -2.49 10.80 19.62
C ILE B 18 -1.97 9.42 19.96
N GLU B 19 -2.83 8.40 19.84
CA GLU B 19 -2.42 7.06 20.23
C GLU B 19 -1.26 6.58 19.37
N LEU B 20 -1.34 6.80 18.06
CA LEU B 20 -0.30 6.27 17.17
C LEU B 20 1.02 7.00 17.37
N LEU B 21 0.98 8.32 17.56
CA LEU B 21 2.20 9.04 17.85
C LEU B 21 2.82 8.54 19.14
N ALA B 22 2.02 8.41 20.21
CA ALA B 22 2.55 7.87 21.45
C ALA B 22 3.18 6.51 21.20
N TYR B 23 2.41 5.59 20.64
CA TYR B 23 2.84 4.20 20.57
C TYR B 23 4.08 4.02 19.71
N TRP B 24 4.11 4.63 18.52
CA TRP B 24 5.18 4.34 17.58
C TRP B 24 6.35 5.32 17.66
N GLU B 25 6.15 6.58 18.07
CA GLU B 25 7.26 7.50 18.19
C GLU B 25 7.76 7.69 19.62
N GLY B 26 7.02 7.23 20.64
CA GLY B 26 7.47 7.38 22.01
C GLY B 26 7.25 8.76 22.59
N ARG B 27 6.83 9.73 21.78
CA ARG B 27 6.73 11.11 22.23
C ARG B 27 5.59 11.81 21.49
N LEU B 28 4.86 12.67 22.19
CA LEU B 28 3.76 13.41 21.61
C LEU B 28 3.78 14.84 22.11
N VAL B 29 3.72 15.81 21.18
CA VAL B 29 3.60 17.21 21.52
C VAL B 29 2.42 17.82 20.77
N THR B 30 1.81 18.84 21.39
CA THR B 30 0.66 19.51 20.75
C THR B 30 1.00 20.02 19.36
N THR B 31 2.26 20.44 19.15
CA THR B 31 2.64 21.08 17.91
C THR B 31 2.38 20.17 16.71
N ARG B 32 2.64 18.87 16.87
CA ARG B 32 2.39 17.94 15.78
C ARG B 32 0.91 17.90 15.44
N LEU B 33 0.05 17.79 16.46
CA LEU B 33 -1.39 17.80 16.21
C LEU B 33 -1.82 19.12 15.58
N MET B 34 -1.20 20.23 16.01
CA MET B 34 -1.54 21.52 15.42
C MET B 34 -1.20 21.52 13.94
N ASN B 35 0.00 21.07 13.59
CA ASN B 35 0.39 21.01 12.19
C ASN B 35 -0.46 20.03 11.39
N TRP B 36 -0.96 18.97 12.02
CA TRP B 36 -1.72 17.96 11.29
C TRP B 36 -3.16 18.40 11.04
N PHE B 37 -3.82 18.97 12.05
CA PHE B 37 -5.25 19.25 11.97
C PHE B 37 -5.61 20.73 11.93
N GLY B 38 -4.65 21.65 11.93
CA GLY B 38 -4.99 23.07 11.91
C GLY B 38 -5.59 23.58 13.20
N LEU B 39 -5.21 23.01 14.34
CA LEU B 39 -5.79 23.33 15.63
C LEU B 39 -4.94 24.35 16.39
N SER B 40 -5.60 25.02 17.34
CA SER B 40 -4.88 25.79 18.32
C SER B 40 -4.21 24.85 19.31
N ARG B 41 -3.12 25.32 19.93
CA ARG B 41 -2.47 24.52 20.95
C ARG B 41 -3.44 24.16 22.06
N GLN B 42 -4.38 25.06 22.37
CA GLN B 42 -5.31 24.80 23.47
C GLN B 42 -6.24 23.63 23.15
N GLN B 43 -6.76 23.57 21.92
CA GLN B 43 -7.61 22.44 21.57
C GLN B 43 -6.79 21.15 21.51
N ALA B 44 -5.58 21.20 20.95
CA ALA B 44 -4.74 20.01 20.91
C ALA B 44 -4.41 19.53 22.32
N SER B 45 -4.11 20.46 23.23
CA SER B 45 -3.95 20.13 24.63
C SER B 45 -5.23 19.48 25.19
N ALA B 46 -6.37 20.03 24.83
CA ALA B 46 -7.63 19.45 25.28
C ALA B 46 -7.83 18.05 24.71
N ASP B 47 -7.41 17.84 23.46
CA ASP B 47 -7.48 16.49 22.88
C ASP B 47 -6.61 15.52 23.65
N ILE B 48 -5.38 15.92 23.98
CA ILE B 48 -4.51 15.02 24.72
C ILE B 48 -5.16 14.63 26.04
N LYS B 49 -5.70 15.61 26.76
CA LYS B 49 -6.36 15.29 28.02
C LYS B 49 -7.56 14.39 27.81
N ARG B 50 -8.37 14.65 26.78
CA ARG B 50 -9.50 13.79 26.49
C ARG B 50 -9.04 12.36 26.26
N TYR B 51 -7.99 12.17 25.46
CA TYR B 51 -7.49 10.82 25.28
C TYR B 51 -7.11 10.22 26.62
N ASN B 52 -6.27 10.92 27.38
CA ASN B 52 -5.70 10.41 28.63
C ASN B 52 -6.74 10.20 29.73
N THR B 53 -7.97 10.66 29.53
CA THR B 53 -8.99 10.43 30.55
C THR B 53 -10.18 9.60 30.06
N LEU B 54 -10.68 9.85 28.85
CA LEU B 54 -11.84 9.14 28.32
C LEU B 54 -11.50 7.91 27.50
N TYR B 55 -10.27 7.76 26.99
CA TYR B 55 -9.96 6.65 26.10
C TYR B 55 -8.95 5.69 26.71
N ASN B 56 -7.82 6.19 27.18
CA ASN B 56 -6.75 5.37 27.72
C ASN B 56 -6.31 6.01 29.03
N PRO B 57 -7.07 5.77 30.12
CA PRO B 57 -6.84 6.50 31.37
C PRO B 57 -5.40 6.45 31.86
N ASP B 58 -4.79 7.62 32.01
CA ASP B 58 -3.44 7.78 32.56
C ASP B 58 -2.39 7.01 31.76
N ALA B 59 -2.67 6.67 30.49
CA ALA B 59 -1.67 5.97 29.70
C ALA B 59 -0.48 6.86 29.34
N LEU B 60 -0.69 8.17 29.28
CA LEU B 60 0.35 9.13 28.95
C LEU B 60 0.73 9.96 30.16
N ILE B 61 1.98 10.43 30.17
CA ILE B 61 2.45 11.34 31.19
C ILE B 61 3.39 12.36 30.54
N HIS B 62 3.23 13.62 30.92
CA HIS B 62 4.13 14.67 30.46
C HIS B 62 5.50 14.47 31.10
N ASP B 63 6.52 14.24 30.27
CA ASP B 63 7.88 14.09 30.77
C ASP B 63 8.67 15.33 30.38
N PRO B 64 8.89 16.27 31.28
CA PRO B 64 9.61 17.49 30.90
C PRO B 64 11.04 17.22 30.46
N SER B 65 11.59 16.06 30.81
CA SER B 65 12.96 15.75 30.38
C SER B 65 13.06 15.62 28.86
N VAL B 66 12.05 15.05 28.22
CA VAL B 66 12.01 14.92 26.77
C VAL B 66 11.03 15.91 26.13
N LYS B 67 10.52 16.88 26.90
CA LYS B 67 9.68 17.95 26.38
C LYS B 67 8.47 17.41 25.61
N GLY B 68 7.71 16.53 26.24
CA GLY B 68 6.48 16.08 25.62
C GLY B 68 5.84 14.99 26.45
N TYR B 69 4.73 14.49 25.93
CA TYR B 69 4.06 13.34 26.52
C TYR B 69 4.70 12.06 26.01
N VAL B 70 4.91 11.11 26.90
CA VAL B 70 5.47 9.81 26.54
C VAL B 70 4.53 8.73 27.06
N PRO B 71 4.45 7.58 26.39
CA PRO B 71 3.64 6.49 26.93
C PRO B 71 4.25 5.93 28.20
N LYS B 72 3.39 5.48 29.10
CA LYS B 72 3.84 4.81 30.30
C LYS B 72 4.28 3.39 29.97
N ALA B 73 5.10 2.83 30.88
CA ALA B 73 5.58 1.47 30.67
C ALA B 73 4.42 0.51 30.45
N SER B 74 3.29 0.74 31.12
CA SER B 74 2.12 -0.09 30.99
C SER B 74 1.23 0.29 29.81
N PHE B 75 1.74 1.08 28.87
CA PHE B 75 0.91 1.57 27.78
C PHE B 75 0.38 0.42 26.95
N GLN B 76 -0.91 0.52 26.57
CA GLN B 76 -1.56 -0.46 25.72
C GLN B 76 -2.46 0.30 24.76
N PRO B 77 -2.31 0.10 23.46
CA PRO B 77 -3.21 0.77 22.51
C PRO B 77 -4.64 0.29 22.68
N VAL B 78 -5.57 1.23 22.60
CA VAL B 78 -7.00 0.92 22.74
C VAL B 78 -7.80 1.24 21.51
N LEU B 79 -7.25 2.00 20.55
CA LEU B 79 -7.96 2.36 19.34
C LEU B 79 -7.32 1.78 18.08
N THR B 80 -6.16 1.13 18.20
CA THR B 80 -5.42 0.64 17.05
C THR B 80 -4.85 -0.72 17.35
N THR B 81 -4.59 -1.47 16.28
CA THR B 81 -3.83 -2.71 16.38
C THR B 81 -2.33 -2.40 16.28
N ALA B 82 -1.52 -3.32 16.77
CA ALA B 82 -0.07 -3.10 16.81
C ALA B 82 0.61 -3.41 15.47
N HIS B 83 -0.01 -3.03 14.36
CA HIS B 83 0.57 -3.19 13.03
C HIS B 83 1.12 -1.86 12.56
N ILE B 84 2.40 -1.84 12.15
CA ILE B 84 3.00 -0.58 11.72
C ILE B 84 2.25 0.00 10.53
N ASN B 85 1.45 -0.81 9.82
CA ASN B 85 0.61 -0.29 8.76
C ASN B 85 -0.27 0.85 9.27
N GLU B 86 -0.77 0.72 10.50
CA GLU B 86 -1.65 1.75 11.06
C GLU B 86 -0.94 3.09 11.13
N TYR B 87 0.34 3.08 11.48
CA TYR B 87 1.12 4.32 11.58
C TYR B 87 1.37 4.93 10.21
N LEU B 88 1.80 4.11 9.26
CA LEU B 88 2.06 4.60 7.91
C LEU B 88 0.79 5.14 7.26
N ASN B 89 -0.35 4.47 7.47
CA ASN B 89 -1.60 4.95 6.88
C ASN B 89 -1.98 6.30 7.45
N MET B 90 -1.81 6.50 8.76
CA MET B 90 -2.08 7.80 9.36
C MET B 90 -1.18 8.86 8.72
N LEU B 91 0.12 8.57 8.62
CA LEU B 91 1.04 9.57 8.09
C LEU B 91 0.70 9.92 6.65
N SER B 92 0.45 8.91 5.83
CA SER B 92 0.17 9.13 4.41
C SER B 92 -1.18 9.78 4.17
N GLY B 93 -2.14 9.59 5.08
CA GLY B 93 -3.44 10.24 4.93
C GLY B 93 -3.36 11.76 4.98
N LEU B 94 -2.30 12.30 5.57
CA LEU B 94 -2.11 13.74 5.71
C LEU B 94 -1.45 14.36 4.49
N VAL B 95 -0.50 13.66 3.88
CA VAL B 95 0.24 14.14 2.72
C VAL B 95 0.01 13.16 1.59
N SER B 96 -1.00 13.42 0.77
CA SER B 96 -1.35 12.55 -0.35
C SER B 96 -0.37 12.79 -1.49
N GLU B 97 0.59 11.88 -1.65
CA GLU B 97 1.47 11.88 -2.82
C GLU B 97 1.40 10.51 -3.50
N SER B 98 0.18 10.02 -3.71
CA SER B 98 -0.03 8.75 -4.39
C SER B 98 0.53 8.74 -5.82
N HIS B 99 0.95 9.89 -6.34
CA HIS B 99 1.52 9.96 -7.68
C HIS B 99 3.01 9.64 -7.70
N ALA B 100 3.68 9.66 -6.55
CA ALA B 100 5.13 9.57 -6.53
C ALA B 100 5.58 8.11 -6.52
N LEU B 101 6.74 7.88 -7.13
CA LEU B 101 7.37 6.56 -7.01
C LEU B 101 7.79 6.32 -5.57
N ILE B 102 8.30 7.36 -4.91
CA ILE B 102 8.77 7.30 -3.54
C ILE B 102 8.00 8.36 -2.78
N ALA B 103 7.10 7.95 -1.89
CA ALA B 103 6.44 8.89 -1.01
C ALA B 103 7.36 9.22 0.15
N MET B 104 7.29 10.48 0.60
CA MET B 104 8.03 10.96 1.75
C MET B 104 7.03 11.60 2.70
N PRO B 105 6.12 10.82 3.27
CA PRO B 105 5.05 11.43 4.07
C PRO B 105 5.59 12.28 5.21
N GLU B 106 6.78 11.97 5.71
CA GLU B 106 7.47 12.87 6.63
C GLU B 106 8.96 12.73 6.39
N PRO B 107 9.77 13.65 6.93
CA PRO B 107 11.22 13.49 6.86
C PRO B 107 11.64 12.19 7.54
N ASN B 108 12.69 11.58 6.99
CA ASN B 108 13.25 10.33 7.49
C ASN B 108 12.33 9.14 7.28
N LEU B 109 11.37 9.22 6.36
CA LEU B 109 10.57 8.06 6.02
C LEU B 109 10.29 8.07 4.53
N ALA B 110 10.69 7.00 3.85
CA ALA B 110 10.42 6.80 2.44
C ALA B 110 9.58 5.55 2.28
N ALA B 111 8.66 5.58 1.32
CA ALA B 111 7.76 4.46 1.09
C ALA B 111 7.67 4.22 -0.40
N VAL B 112 8.14 3.06 -0.84
CA VAL B 112 8.07 2.70 -2.26
C VAL B 112 6.60 2.53 -2.63
N GLN B 113 6.20 3.14 -3.73
CA GLN B 113 4.82 3.09 -4.17
C GLN B 113 4.76 2.57 -5.60
N LEU B 114 3.56 2.18 -6.02
CA LEU B 114 3.30 1.78 -7.39
C LEU B 114 2.13 2.63 -7.88
N PRO B 115 2.40 3.82 -8.40
CA PRO B 115 1.31 4.65 -8.93
C PRO B 115 0.69 4.01 -10.15
N ASP B 116 -0.62 3.88 -10.13
CA ASP B 116 -1.36 3.27 -11.23
C ASP B 116 -1.83 4.36 -12.18
N ARG B 117 -1.44 4.24 -13.45
CA ARG B 117 -1.82 5.20 -14.46
C ARG B 117 -2.77 4.63 -15.51
N SER B 118 -3.19 3.37 -15.37
CA SER B 118 -3.91 2.69 -16.43
C SER B 118 -5.42 2.59 -16.21
N VAL B 119 -5.91 2.78 -14.99
CA VAL B 119 -7.32 2.58 -14.68
C VAL B 119 -8.05 3.91 -14.82
N ARG B 120 -9.02 3.97 -15.73
CA ARG B 120 -9.81 5.12 -16.15
C ARG B 120 -11.07 5.27 -15.31
N PRO B 121 -11.39 6.52 -14.93
CA PRO B 121 -12.60 6.74 -14.11
C PRO B 121 -13.90 6.33 -14.77
N GLU B 122 -14.11 6.66 -16.04
CA GLU B 122 -15.36 6.27 -16.70
C GLU B 122 -15.54 4.76 -16.71
N VAL B 123 -14.45 4.00 -16.72
CA VAL B 123 -14.59 2.56 -16.62
C VAL B 123 -15.04 2.18 -15.22
N ILE B 124 -14.52 2.86 -14.21
CA ILE B 124 -14.87 2.53 -12.83
C ILE B 124 -16.34 2.83 -12.57
N ARG B 125 -16.82 4.00 -13.00
CA ARG B 125 -18.21 4.36 -12.71
C ARG B 125 -19.17 3.30 -13.24
N GLU B 126 -18.98 2.91 -14.51
CA GLU B 126 -19.89 1.96 -15.14
C GLU B 126 -19.79 0.59 -14.48
N VAL B 127 -18.57 0.12 -14.22
CA VAL B 127 -18.40 -1.24 -13.73
C VAL B 127 -18.84 -1.34 -12.28
N LEU B 128 -18.52 -0.32 -11.47
CA LEU B 128 -18.98 -0.30 -10.09
C LEU B 128 -20.51 -0.24 -10.03
N ARG B 129 -21.13 0.59 -10.88
CA ARG B 129 -22.58 0.63 -10.90
C ARG B 129 -23.14 -0.73 -11.31
N ALA B 130 -22.51 -1.40 -12.27
CA ALA B 130 -22.98 -2.71 -12.68
C ALA B 130 -22.83 -3.73 -11.56
N CYS B 131 -21.74 -3.66 -10.80
CA CYS B 131 -21.59 -4.54 -9.64
C CYS B 131 -22.73 -4.33 -8.65
N ARG B 132 -23.03 -3.06 -8.34
CA ARG B 132 -24.05 -2.80 -7.33
C ARG B 132 -25.45 -3.13 -7.84
N ASN B 133 -25.70 -2.92 -9.12
CA ASN B 133 -26.99 -3.21 -9.72
C ASN B 133 -27.11 -4.66 -10.17
N GLN B 134 -26.04 -5.44 -10.07
CA GLN B 134 -26.01 -6.82 -10.55
C GLN B 134 -26.49 -6.89 -12.00
N SER B 135 -26.03 -5.93 -12.80
CA SER B 135 -26.41 -5.79 -14.19
C SER B 135 -25.33 -6.36 -15.10
N THR B 136 -25.60 -6.37 -16.40
CA THR B 136 -24.76 -7.02 -17.40
C THR B 136 -24.21 -5.99 -18.38
N LEU B 137 -22.92 -6.04 -18.63
CA LEU B 137 -22.22 -5.07 -19.45
C LEU B 137 -21.70 -5.69 -20.74
N LYS B 138 -21.69 -4.88 -21.79
CA LYS B 138 -21.00 -5.17 -23.04
C LYS B 138 -19.80 -4.24 -23.14
N MET B 139 -18.63 -4.81 -23.39
CA MET B 139 -17.40 -4.05 -23.33
C MET B 139 -16.41 -4.58 -24.35
N ILE B 140 -15.37 -3.78 -24.58
CA ILE B 140 -14.29 -4.11 -25.51
C ILE B 140 -13.05 -4.47 -24.71
N TYR B 141 -12.47 -5.63 -25.00
CA TYR B 141 -11.42 -6.21 -24.17
C TYR B 141 -10.34 -6.82 -25.04
N ALA B 142 -9.19 -7.06 -24.42
CA ALA B 142 -8.09 -7.78 -25.05
C ALA B 142 -7.26 -8.46 -23.97
N SER B 143 -6.86 -9.70 -24.22
CA SER B 143 -6.06 -10.48 -23.28
C SER B 143 -4.74 -10.88 -23.92
N MET B 144 -3.84 -11.42 -23.11
CA MET B 144 -2.57 -11.91 -23.65
C MET B 144 -2.80 -13.09 -24.60
N GLN B 145 -3.76 -13.96 -24.26
CA GLN B 145 -4.07 -15.09 -25.14
C GLN B 145 -4.75 -14.65 -26.42
N ASN B 146 -5.59 -13.61 -26.35
CA ASN B 146 -6.24 -13.04 -27.54
C ASN B 146 -6.03 -11.54 -27.48
N PRO B 147 -4.91 -11.05 -28.00
CA PRO B 147 -4.55 -9.63 -27.87
C PRO B 147 -5.14 -8.75 -28.96
N GLN B 148 -6.09 -9.25 -29.75
CA GLN B 148 -6.83 -8.41 -30.66
C GLN B 148 -8.11 -7.96 -29.97
N TRP B 149 -8.47 -6.70 -30.18
CA TRP B 149 -9.60 -6.12 -29.47
C TRP B 149 -10.89 -6.81 -29.88
N HIS B 150 -11.68 -7.20 -28.90
CA HIS B 150 -12.92 -7.93 -29.16
C HIS B 150 -13.93 -7.61 -28.08
N GLU B 151 -15.19 -7.94 -28.37
CA GLU B 151 -16.29 -7.72 -27.43
C GLU B 151 -16.38 -8.87 -26.44
N ARG B 152 -16.66 -8.53 -25.18
CA ARG B 152 -16.94 -9.50 -24.14
C ARG B 152 -18.19 -9.03 -23.40
N ILE B 153 -19.03 -9.99 -23.01
CA ILE B 153 -20.25 -9.70 -22.25
C ILE B 153 -20.07 -10.31 -20.87
N ILE B 154 -20.16 -9.47 -19.83
CA ILE B 154 -19.79 -9.86 -18.47
C ILE B 154 -20.83 -9.36 -17.48
N SER B 155 -21.01 -10.15 -16.42
CA SER B 155 -21.77 -9.73 -15.25
C SER B 155 -20.79 -9.55 -14.10
N PRO B 156 -20.32 -8.34 -13.82
CA PRO B 156 -19.33 -8.16 -12.75
C PRO B 156 -19.94 -8.18 -11.37
N HIS B 157 -19.12 -8.54 -10.38
CA HIS B 157 -19.56 -8.45 -8.99
C HIS B 157 -18.52 -7.89 -8.02
N THR B 158 -17.22 -7.88 -8.33
CA THR B 158 -16.26 -7.31 -7.39
C THR B 158 -15.06 -6.72 -8.11
N LEU B 159 -14.73 -5.48 -7.78
CA LEU B 159 -13.45 -4.89 -8.16
C LEU B 159 -12.36 -5.39 -7.22
N VAL B 160 -11.18 -5.65 -7.76
CA VAL B 160 -10.09 -6.24 -6.98
C VAL B 160 -8.81 -5.46 -7.25
N TYR B 161 -8.15 -5.04 -6.17
CA TYR B 161 -6.79 -4.53 -6.20
C TYR B 161 -5.87 -5.59 -5.63
N THR B 162 -4.94 -6.08 -6.44
CA THR B 162 -4.04 -7.14 -6.03
C THR B 162 -2.79 -6.62 -5.32
N GLY B 163 -2.63 -5.30 -5.23
CA GLY B 163 -1.37 -4.69 -4.87
C GLY B 163 -0.47 -4.37 -6.04
N PHE B 164 -0.82 -4.82 -7.24
CA PHE B 164 -0.05 -4.51 -8.44
C PHE B 164 -0.97 -4.07 -9.57
N ARG B 165 -2.18 -4.63 -9.64
CA ARG B 165 -3.09 -4.32 -10.72
C ARG B 165 -4.52 -4.32 -10.23
N TRP B 166 -5.39 -3.70 -11.01
CA TRP B 166 -6.83 -3.71 -10.78
C TRP B 166 -7.50 -4.60 -11.80
N HIS B 167 -8.43 -5.44 -11.34
CA HIS B 167 -9.29 -6.19 -12.24
C HIS B 167 -10.67 -6.30 -11.62
N VAL B 168 -11.64 -6.74 -12.43
CA VAL B 168 -12.99 -6.98 -11.97
C VAL B 168 -13.26 -8.47 -12.10
N ARG B 169 -13.76 -9.08 -11.02
CA ARG B 169 -14.22 -10.45 -11.06
C ARG B 169 -15.62 -10.47 -11.64
N ALA B 170 -15.83 -11.28 -12.68
CA ALA B 170 -17.08 -11.17 -13.41
C ALA B 170 -17.43 -12.49 -14.09
N TYR B 171 -18.72 -12.74 -14.25
CA TYR B 171 -19.16 -13.86 -15.06
C TYR B 171 -18.93 -13.52 -16.52
N CYS B 172 -18.14 -14.35 -17.18
CA CYS B 172 -17.85 -14.27 -18.60
C CYS B 172 -18.89 -15.04 -19.39
N HIS B 173 -19.71 -14.33 -20.18
CA HIS B 173 -20.86 -14.93 -20.85
C HIS B 173 -20.49 -15.74 -22.08
N GLN B 174 -19.38 -15.42 -22.73
CA GLN B 174 -18.92 -16.16 -23.88
C GLN B 174 -18.27 -17.51 -23.50
N SER B 175 -17.66 -17.62 -22.31
CA SER B 175 -17.08 -18.86 -21.87
C SER B 175 -17.87 -19.50 -20.75
N LYS B 176 -18.90 -18.82 -20.25
CA LYS B 176 -19.75 -19.35 -19.19
C LYS B 176 -18.93 -19.71 -17.96
N GLN B 177 -17.91 -18.90 -17.68
CA GLN B 177 -17.08 -19.07 -16.49
C GLN B 177 -16.88 -17.73 -15.82
N PHE B 178 -16.64 -17.77 -14.51
CA PHE B 178 -16.22 -16.58 -13.78
C PHE B 178 -14.72 -16.40 -13.98
N LYS B 179 -14.31 -15.22 -14.44
CA LYS B 179 -12.91 -14.93 -14.71
C LYS B 179 -12.56 -13.55 -14.18
N ASP B 180 -11.27 -13.22 -14.26
CA ASP B 180 -10.75 -11.91 -13.86
C ASP B 180 -10.50 -11.07 -15.11
N PHE B 181 -11.00 -9.84 -15.11
CA PHE B 181 -10.83 -8.92 -16.24
C PHE B 181 -10.01 -7.73 -15.79
N LEU B 182 -8.88 -7.49 -16.46
CA LEU B 182 -8.01 -6.39 -16.12
C LEU B 182 -8.65 -5.06 -16.50
N LEU B 183 -8.75 -4.14 -15.54
CA LEU B 183 -9.45 -2.89 -15.80
C LEU B 183 -8.69 -2.01 -16.77
N SER B 184 -7.37 -2.18 -16.87
CA SER B 184 -6.60 -1.40 -17.82
C SER B 184 -6.85 -1.82 -19.27
N ARG B 185 -7.45 -3.00 -19.48
CA ARG B 185 -7.77 -3.47 -20.82
C ARG B 185 -9.20 -3.16 -21.24
N ILE B 186 -9.98 -2.48 -20.41
CA ILE B 186 -11.38 -2.22 -20.69
C ILE B 186 -11.46 -0.85 -21.37
N ASP B 187 -12.04 -0.81 -22.56
CA ASP B 187 -12.17 0.48 -23.23
C ASP B 187 -13.24 1.30 -22.51
N ARG B 188 -13.04 2.62 -22.52
CA ARG B 188 -13.81 3.55 -21.72
C ARG B 188 -15.31 3.59 -22.02
N THR B 189 -15.80 2.80 -22.98
CA THR B 189 -17.20 2.82 -23.38
C THR B 189 -17.93 1.50 -23.06
N PRO B 190 -17.94 1.07 -21.79
CA PRO B 190 -18.75 -0.09 -21.44
C PRO B 190 -20.23 0.28 -21.49
N VAL B 191 -21.06 -0.68 -21.88
CA VAL B 191 -22.49 -0.44 -22.07
C VAL B 191 -23.32 -1.45 -21.29
N VAL B 192 -24.36 -0.96 -20.62
CA VAL B 192 -25.34 -1.87 -20.03
C VAL B 192 -26.17 -2.46 -21.16
N VAL B 193 -26.34 -3.78 -21.14
CA VAL B 193 -27.17 -4.46 -22.13
C VAL B 193 -28.21 -5.30 -21.41
N ALA B 194 -29.33 -5.54 -22.08
CA ALA B 194 -30.45 -6.23 -21.47
C ALA B 194 -30.29 -7.73 -21.73
N ILE B 195 -29.44 -8.34 -20.91
CA ILE B 195 -29.26 -9.78 -20.89
C ILE B 195 -29.39 -10.20 -19.43
N GLU B 196 -30.01 -11.36 -19.21
CA GLU B 196 -30.16 -11.83 -17.84
C GLU B 196 -28.79 -11.83 -17.16
N SER B 197 -28.71 -11.17 -16.02
CA SER B 197 -27.44 -11.18 -15.32
C SER B 197 -27.33 -12.50 -14.55
N VAL B 198 -26.12 -12.88 -14.22
CA VAL B 198 -25.91 -14.16 -13.58
C VAL B 198 -25.73 -13.91 -12.08
N ASP B 199 -26.14 -14.89 -11.30
CA ASP B 199 -26.09 -14.74 -9.85
C ASP B 199 -24.66 -14.90 -9.36
N PRO B 200 -24.07 -13.89 -8.72
CA PRO B 200 -22.69 -14.04 -8.22
C PRO B 200 -22.55 -15.14 -7.21
N ALA B 201 -23.65 -15.63 -6.62
CA ALA B 201 -23.55 -16.72 -5.65
C ALA B 201 -23.01 -17.99 -6.28
N GLN B 202 -23.07 -18.13 -7.61
CA GLN B 202 -22.55 -19.30 -8.28
C GLN B 202 -21.04 -19.23 -8.55
N ASP B 203 -20.38 -18.13 -8.18
CA ASP B 203 -18.94 -18.03 -8.42
C ASP B 203 -18.19 -18.92 -7.43
N GLN B 204 -18.04 -20.19 -7.80
CA GLN B 204 -17.49 -21.19 -6.90
C GLN B 204 -16.11 -20.77 -6.38
N GLN B 205 -15.23 -20.33 -7.29
CA GLN B 205 -13.88 -19.94 -6.89
C GLN B 205 -13.90 -18.78 -5.90
N TRP B 206 -14.86 -17.86 -6.02
CA TRP B 206 -14.88 -16.67 -5.17
C TRP B 206 -15.29 -17.01 -3.74
N HIS B 207 -16.25 -17.91 -3.57
CA HIS B 207 -16.82 -18.17 -2.26
C HIS B 207 -16.11 -19.29 -1.51
N GLU B 208 -15.47 -20.21 -2.23
CA GLU B 208 -14.69 -21.25 -1.57
C GLU B 208 -13.36 -20.68 -1.08
N GLU B 209 -13.00 -21.04 0.15
CA GLU B 209 -11.70 -20.73 0.71
C GLU B 209 -10.80 -21.96 0.65
N ILE B 210 -9.49 -21.72 0.70
CA ILE B 210 -8.50 -22.76 0.96
C ILE B 210 -7.48 -22.18 1.92
N VAL B 211 -6.75 -23.07 2.59
CA VAL B 211 -5.70 -22.66 3.51
C VAL B 211 -4.36 -22.94 2.85
N LEU B 212 -3.61 -21.88 2.60
CA LEU B 212 -2.26 -21.98 2.09
C LEU B 212 -1.29 -22.00 3.27
N THR B 213 -0.32 -22.89 3.20
CA THR B 213 0.73 -22.99 4.23
C THR B 213 2.03 -22.48 3.64
N LEU B 214 2.52 -21.37 4.18
CA LEU B 214 3.79 -20.78 3.77
C LEU B 214 4.84 -21.10 4.82
N ILE B 215 6.02 -21.49 4.36
CA ILE B 215 7.08 -21.92 5.28
C ILE B 215 8.40 -21.32 4.86
N PRO B 216 9.34 -21.24 5.78
CA PRO B 216 10.72 -20.87 5.41
C PRO B 216 11.25 -21.87 4.38
N ASN B 217 11.98 -21.35 3.40
CA ASN B 217 12.56 -22.19 2.37
C ASN B 217 13.40 -23.30 2.99
N PRO B 218 13.03 -24.57 2.77
CA PRO B 218 13.79 -25.68 3.41
C PRO B 218 15.25 -25.73 3.01
N LYS B 219 15.68 -24.98 2.00
CA LYS B 219 17.09 -24.96 1.63
C LYS B 219 17.91 -24.13 2.60
N LEU B 220 17.26 -23.29 3.42
CA LEU B 220 17.98 -22.48 4.38
C LEU B 220 18.28 -23.30 5.62
N ASN B 221 19.39 -22.97 6.28
CA ASN B 221 19.74 -23.69 7.50
C ASN B 221 18.81 -23.28 8.63
N SER B 222 18.98 -23.93 9.78
CA SER B 222 18.03 -23.78 10.87
C SER B 222 17.98 -22.34 11.38
N SER B 223 19.14 -21.71 11.50
CA SER B 223 19.16 -20.33 12.02
C SER B 223 18.54 -19.35 11.02
N GLN B 224 18.72 -19.58 9.73
CA GLN B 224 18.10 -18.71 8.74
C GLN B 224 16.58 -18.86 8.76
N GLN B 225 16.09 -20.09 8.94
CA GLN B 225 14.65 -20.32 8.95
C GLN B 225 13.98 -19.63 10.13
N ALA B 226 14.67 -19.57 11.28
CA ALA B 226 14.13 -18.85 12.43
C ALA B 226 13.92 -17.38 12.10
N LEU B 227 14.84 -16.80 11.30
CA LEU B 227 14.69 -15.42 10.88
C LEU B 227 13.49 -15.24 9.97
N VAL B 228 13.25 -16.16 9.05
CA VAL B 228 12.04 -16.07 8.23
C VAL B 228 10.81 -16.13 9.11
N GLU B 229 10.82 -17.05 10.09
CA GLU B 229 9.69 -17.15 11.01
C GLU B 229 9.45 -15.82 11.71
N LYS B 230 10.51 -15.17 12.19
CA LYS B 230 10.36 -13.88 12.85
C LYS B 230 9.89 -12.81 11.87
N ASP B 231 10.43 -12.80 10.65
CA ASP B 231 10.07 -11.78 9.67
C ASP B 231 8.58 -11.83 9.37
N PHE B 232 8.02 -13.03 9.27
CA PHE B 232 6.63 -13.18 8.87
C PHE B 232 5.69 -13.46 10.04
N GLY B 233 6.18 -13.43 11.27
CA GLY B 233 5.29 -13.61 12.40
C GLY B 233 4.67 -14.98 12.49
N MET B 234 5.44 -16.03 12.22
CA MET B 234 4.89 -17.38 12.28
C MET B 234 4.79 -17.84 13.74
N PRO B 235 3.61 -18.28 14.19
CA PRO B 235 3.51 -18.76 15.57
C PRO B 235 4.25 -20.06 15.81
N ASP B 236 4.25 -20.97 14.84
CA ASP B 236 4.79 -22.31 15.02
C ASP B 236 5.49 -22.79 13.75
N GLY B 237 6.37 -21.95 13.22
CA GLY B 237 7.13 -22.31 12.04
C GLY B 237 6.37 -22.31 10.74
N ARG B 238 5.20 -21.67 10.68
CA ARG B 238 4.46 -21.61 9.43
C ARG B 238 3.50 -20.43 9.45
N LEU B 239 3.14 -19.98 8.25
CA LEU B 239 2.07 -19.01 8.03
C LEU B 239 0.91 -19.71 7.34
N GLN B 240 -0.17 -19.95 8.06
CA GLN B 240 -1.39 -20.50 7.50
C GLN B 240 -2.28 -19.34 7.04
N ILE B 241 -2.59 -19.30 5.76
CA ILE B 241 -3.29 -18.18 5.14
C ILE B 241 -4.57 -18.71 4.51
N PRO B 242 -5.71 -18.52 5.16
CA PRO B 242 -7.00 -18.83 4.51
C PRO B 242 -7.42 -17.70 3.60
N VAL B 243 -7.82 -18.03 2.38
CA VAL B 243 -8.11 -17.03 1.37
C VAL B 243 -9.07 -17.63 0.34
N LYS B 244 -9.89 -16.76 -0.26
CA LYS B 244 -10.71 -17.19 -1.38
C LYS B 244 -9.82 -17.76 -2.48
N LYS B 245 -10.27 -18.87 -3.08
CA LYS B 245 -9.48 -19.52 -4.12
C LYS B 245 -9.19 -18.57 -5.28
N ALA B 246 -10.14 -17.71 -5.62
CA ALA B 246 -9.93 -16.75 -6.70
C ALA B 246 -8.97 -15.64 -6.33
N LEU B 247 -8.48 -15.61 -5.09
CA LEU B 247 -7.51 -14.62 -4.65
C LEU B 247 -6.21 -15.25 -4.19
N ALA B 248 -6.09 -16.58 -4.22
CA ALA B 248 -4.92 -17.25 -3.66
C ALA B 248 -3.64 -16.82 -4.38
N HIS B 249 -3.64 -16.86 -5.70
CA HIS B 249 -2.43 -16.52 -6.46
C HIS B 249 -2.01 -15.09 -6.20
N TYR B 250 -2.97 -14.16 -6.17
CA TYR B 250 -2.65 -12.77 -5.87
C TYR B 250 -2.01 -12.63 -4.49
N THR B 251 -2.57 -13.33 -3.50
CA THR B 251 -2.00 -13.31 -2.15
C THR B 251 -0.56 -13.82 -2.14
N LEU B 252 -0.31 -14.95 -2.81
CA LEU B 252 1.05 -15.49 -2.85
C LEU B 252 2.00 -14.51 -3.50
N GLN B 253 1.58 -13.90 -4.62
CA GLN B 253 2.42 -12.88 -5.23
C GLN B 253 2.65 -11.72 -4.26
N ARG B 254 1.61 -11.33 -3.51
CA ARG B 254 1.73 -10.21 -2.60
C ARG B 254 2.78 -10.49 -1.53
N TYR B 255 2.91 -11.76 -1.13
CA TYR B 255 3.94 -12.14 -0.17
C TYR B 255 5.27 -12.47 -0.83
N GLN B 256 5.34 -12.47 -2.16
CA GLN B 256 6.59 -12.75 -2.87
C GLN B 256 7.04 -14.18 -2.64
N THR B 257 6.09 -15.06 -2.41
CA THR B 257 6.39 -16.43 -2.07
C THR B 257 6.66 -17.25 -3.34
N ALA B 258 7.58 -18.21 -3.22
CA ALA B 258 7.78 -19.17 -4.29
C ALA B 258 6.62 -20.16 -4.32
N ILE B 259 6.07 -20.41 -5.50
CA ILE B 259 4.96 -21.34 -5.66
C ILE B 259 5.28 -22.51 -6.58
N THR B 260 6.47 -22.55 -7.17
CA THR B 260 6.93 -23.71 -7.92
C THR B 260 8.20 -24.25 -7.28
N LEU B 261 8.37 -25.58 -7.37
CA LEU B 261 9.59 -26.20 -6.85
C LEU B 261 10.82 -25.60 -7.52
N ALA B 262 10.69 -25.16 -8.78
CA ALA B 262 11.83 -24.57 -9.47
C ALA B 262 12.16 -23.19 -8.90
N GLU B 263 11.14 -22.42 -8.52
CA GLU B 263 11.38 -21.14 -7.88
C GLU B 263 12.03 -21.33 -6.51
N ALA B 264 11.56 -22.32 -5.76
CA ALA B 264 12.04 -22.51 -4.40
C ALA B 264 13.54 -22.84 -4.35
N GLU B 265 14.15 -23.14 -5.49
CA GLU B 265 15.57 -23.44 -5.54
C GLU B 265 16.43 -22.21 -5.26
N ASP B 266 15.88 -21.00 -5.39
CA ASP B 266 16.62 -19.78 -5.12
C ASP B 266 16.18 -19.28 -3.74
N ALA B 267 16.80 -19.85 -2.70
CA ALA B 267 16.41 -19.55 -1.34
C ALA B 267 16.73 -18.11 -0.94
N LEU B 268 17.63 -17.45 -1.66
CA LEU B 268 17.90 -16.04 -1.40
C LEU B 268 16.78 -15.16 -1.94
N LYS B 269 16.35 -15.44 -3.17
CA LYS B 269 15.23 -14.69 -3.74
C LYS B 269 13.92 -15.04 -3.08
N TYR B 270 13.77 -16.28 -2.62
CA TYR B 270 12.51 -16.79 -2.08
C TYR B 270 12.73 -17.44 -0.72
N PRO B 271 13.03 -16.65 0.31
CA PRO B 271 13.13 -17.24 1.66
C PRO B 271 11.81 -17.80 2.13
N LEU B 272 10.71 -17.42 1.50
CA LEU B 272 9.38 -17.88 1.86
C LEU B 272 8.81 -18.66 0.68
N VAL B 273 8.29 -19.85 0.95
CA VAL B 273 7.82 -20.76 -0.09
C VAL B 273 6.48 -21.34 0.29
N LEU B 274 5.67 -21.62 -0.71
CA LEU B 274 4.45 -22.38 -0.50
C LEU B 274 4.84 -23.83 -0.26
N GLN B 275 4.29 -24.42 0.81
CA GLN B 275 4.63 -25.79 1.16
C GLN B 275 4.28 -26.76 0.04
N ARG B 276 5.11 -27.79 -0.12
CA ARG B 276 5.03 -28.62 -1.32
C ARG B 276 3.64 -29.22 -1.51
N SER B 277 3.03 -29.71 -0.43
CA SER B 277 1.73 -30.36 -0.57
C SER B 277 0.69 -29.43 -1.18
N ASP B 278 0.78 -28.13 -0.89
CA ASP B 278 -0.17 -27.17 -1.45
C ASP B 278 0.17 -26.77 -2.87
N ILE B 279 1.45 -26.90 -3.27
CA ILE B 279 1.85 -26.47 -4.61
C ILE B 279 1.08 -27.27 -5.67
N GLU B 280 0.97 -28.58 -5.46
CA GLU B 280 0.19 -29.43 -6.34
C GLU B 280 -1.30 -29.12 -6.30
N LYS B 281 -1.77 -28.39 -5.29
CA LYS B 281 -3.18 -28.04 -5.23
C LYS B 281 -3.52 -26.87 -6.16
N LEU B 282 -2.65 -25.87 -6.21
CA LEU B 282 -2.90 -24.67 -7.04
C LEU B 282 -2.87 -25.02 -8.52
C1 EDO E . 8.22 16.21 13.69
O1 EDO E . 8.09 15.77 12.33
C2 EDO E . 8.66 15.04 14.56
O2 EDO E . 8.98 15.51 15.87
C1 EDO F . 19.72 -9.99 5.16
O1 EDO F . 18.74 -10.77 5.85
C2 EDO F . 19.74 -10.37 3.69
O2 EDO F . 18.91 -9.47 2.94
CL CL G . -17.78 -7.19 -1.75
CL CL H . 5.59 -9.30 6.69
C1 EDO I . 6.56 -1.05 24.54
O1 EDO I . 5.67 -1.95 23.87
C2 EDO I . 5.93 -0.55 25.83
O2 EDO I . 5.05 0.55 25.58
H11 EDO I . 7.50 -1.56 24.75
H12 EDO I . 6.78 -0.20 23.88
HO1 EDO I . 6.17 -2.55 23.31
H21 EDO I . 5.38 -1.37 26.32
H22 EDO I . 6.72 -0.24 26.53
HO2 EDO I . 4.92 0.64 24.63
C1 EDO J . -8.03 -15.16 -16.47
O1 EDO J . -6.73 -14.60 -16.70
C2 EDO J . -8.21 -15.43 -14.97
O2 EDO J . -9.56 -15.79 -14.70
C1 EDO K . -5.69 -11.12 -19.88
O1 EDO K . -4.27 -10.92 -19.98
C2 EDO K . -5.98 -12.16 -18.79
O2 EDO K . -5.04 -13.23 -18.90
C1 EDO L . 6.04 17.85 16.77
O1 EDO L . 5.90 18.80 15.70
C2 EDO L . 6.31 16.46 16.20
O2 EDO L . 6.81 15.59 17.23
#